data_4RCH
#
_entry.id   4RCH
#
_cell.length_a   80.116
_cell.length_b   80.116
_cell.length_c   321.807
_cell.angle_alpha   90.00
_cell.angle_beta   90.00
_cell.angle_gamma   120.00
#
_symmetry.space_group_name_H-M   'P 65 2 2'
#
loop_
_entity.id
_entity.type
_entity.pdbx_description
1 polymer Glucokinase
2 non-polymer alpha-D-glucopyranose
3 non-polymer 1-{3-[(2-ethylpyridin-3-yl)oxy]-5-(pyridin-2-ylsulfanyl)pyridin-2-yl}-3-methylurea
4 water water
#
_entity_poly.entity_id   1
_entity_poly.type   'polypeptide(L)'
_entity_poly.pdbx_seq_one_letter_code
;MSGHHHHHHASSGLVPRGSMALTLVEQILAEFQLQEEDLKKVMRRMQKEMDRGLRLETHEEASVKMLPTYVRSTPEGSEV
GDFLSLDLGGTNFRVMLVKVGEGEEGQWSVKTKHQMYSIPEDAMTGTAEMLFDYISECISDFLDKHQMKHKKLPLGFTFS
FPVRHEDIDKGILLNWTKGFKASGAEGNNVVGLLRDAIKRRGDFEMDVVAMVNDTVATMISCYYEDHQCEVGMIVGTGCN
ACYMEEMQNVELVEGDEGRMCVNTEWGAFGDSGELDEFLLEYDRLVDESSANPGQQLYEKLIGGKYMGELVRLVLLRLVD
ENLLFHGEASEQLRTRGAFETRFVSQVESDTGDRKQIYNILSTLGLRPSTTDCDIVRRACESVSTRAAHMCSAGLAGVIN
RMRESRSEDVMRITVGVDGSVYKLHPSFKERFHASVRRLTPSCEITFIESEEGSGRGAALVSAVACKKACMLGQ
;
_entity_poly.pdbx_strand_id   A
#
loop_
_chem_comp.id
_chem_comp.type
_chem_comp.name
_chem_comp.formula
3LZ non-polymer 1-{3-[(2-ethylpyridin-3-yl)oxy]-5-(pyridin-2-ylsulfanyl)pyridin-2-yl}-3-methylurea 'C19 H19 N5 O2 S'
GLC D-saccharide, alpha linking alpha-D-glucopyranose 'C6 H12 O6'
#
# COMPACT_ATOMS: atom_id res chain seq x y z
N THR A 23 -33.43 -11.28 5.13
CA THR A 23 -32.92 -12.19 6.21
C THR A 23 -32.27 -13.45 5.63
N LEU A 24 -32.68 -13.84 4.42
CA LEU A 24 -31.92 -14.83 3.66
C LEU A 24 -30.65 -14.12 3.14
N VAL A 25 -30.82 -12.84 2.83
CA VAL A 25 -29.74 -11.98 2.41
C VAL A 25 -28.78 -11.79 3.58
N GLU A 26 -29.34 -11.42 4.73
CA GLU A 26 -28.58 -11.16 5.93
C GLU A 26 -27.74 -12.34 6.42
N GLN A 27 -28.25 -13.54 6.25
CA GLN A 27 -27.49 -14.75 6.59
C GLN A 27 -26.27 -14.89 5.69
N ILE A 28 -26.40 -14.61 4.41
CA ILE A 28 -25.23 -14.65 3.50
C ILE A 28 -24.17 -13.59 3.88
N LEU A 29 -24.61 -12.35 4.07
CA LEU A 29 -23.73 -11.26 4.44
C LEU A 29 -23.08 -11.39 5.83
N ALA A 30 -23.76 -12.02 6.77
CA ALA A 30 -23.27 -12.16 8.14
C ALA A 30 -21.98 -13.00 8.23
N GLU A 31 -21.76 -13.84 7.23
CA GLU A 31 -20.52 -14.55 7.01
C GLU A 31 -19.26 -13.63 6.95
N PHE A 32 -19.46 -12.33 6.65
CA PHE A 32 -18.38 -11.35 6.62
C PHE A 32 -18.03 -10.81 8.00
N GLN A 33 -18.89 -11.09 8.97
CA GLN A 33 -18.67 -10.63 10.33
C GLN A 33 -17.38 -11.17 10.96
N LEU A 34 -16.73 -10.36 11.79
CA LEU A 34 -15.64 -10.81 12.63
C LEU A 34 -15.93 -10.32 14.04
N GLN A 35 -15.86 -11.22 15.02
CA GLN A 35 -16.01 -10.83 16.43
C GLN A 35 -14.67 -10.29 16.94
N GLU A 36 -14.74 -9.56 18.05
CA GLU A 36 -13.58 -9.14 18.82
C GLU A 36 -12.53 -10.25 18.92
N GLU A 37 -12.96 -11.46 19.27
CA GLU A 37 -12.02 -12.56 19.44
C GLU A 37 -11.37 -13.00 18.13
N ASP A 38 -12.07 -12.86 17.01
CA ASP A 38 -11.52 -13.20 15.72
C ASP A 38 -10.36 -12.22 15.40
N LEU A 39 -10.60 -10.94 15.65
CA LEU A 39 -9.62 -9.90 15.43
C LEU A 39 -8.40 -10.06 16.34
N LYS A 40 -8.61 -10.41 17.62
CA LYS A 40 -7.48 -10.63 18.53
C LYS A 40 -6.61 -11.78 18.04
N LYS A 41 -7.24 -12.79 17.45
CA LYS A 41 -6.56 -13.95 16.92
C LYS A 41 -5.73 -13.58 15.66
N VAL A 42 -6.28 -12.71 14.82
CA VAL A 42 -5.56 -12.23 13.63
C VAL A 42 -4.38 -11.36 14.05
N MET A 43 -4.59 -10.50 15.04
CA MET A 43 -3.57 -9.63 15.61
C MET A 43 -2.38 -10.39 16.24
N ARG A 44 -2.68 -11.40 17.04
CA ARG A 44 -1.66 -12.28 17.64
C ARG A 44 -0.89 -13.06 16.59
N ARG A 45 -1.61 -13.59 15.61
CA ARG A 45 -0.97 -14.30 14.50
C ARG A 45 -0.05 -13.38 13.62
N MET A 46 -0.46 -12.13 13.43
CA MET A 46 0.36 -11.15 12.70
C MET A 46 1.64 -10.82 13.48
N GLN A 47 1.52 -10.69 14.81
CA GLN A 47 2.68 -10.42 15.66
C GLN A 47 3.65 -11.59 15.64
N LYS A 48 3.09 -12.79 15.53
CA LYS A 48 3.85 -14.03 15.46
C LYS A 48 4.63 -14.07 14.13
N GLU A 49 3.97 -13.75 13.03
CA GLU A 49 4.66 -13.71 11.73
C GLU A 49 5.70 -12.57 11.55
N MET A 50 5.45 -11.42 12.16
CA MET A 50 6.42 -10.34 12.20
C MET A 50 7.71 -10.80 12.91
N ASP A 51 7.54 -11.48 14.05
CA ASP A 51 8.66 -12.06 14.78
C ASP A 51 9.43 -13.09 13.96
N ARG A 52 8.71 -13.97 13.27
CA ARG A 52 9.37 -14.99 12.45
C ARG A 52 10.15 -14.36 11.27
N GLY A 53 9.61 -13.27 10.70
CA GLY A 53 10.25 -12.56 9.61
C GLY A 53 11.54 -11.83 9.97
N LEU A 54 11.68 -11.48 11.25
CA LEU A 54 12.82 -10.70 11.70
C LEU A 54 14.03 -11.60 12.06
N ARG A 55 13.78 -12.85 12.42
CA ARG A 55 14.81 -13.76 12.92
C ARG A 55 15.49 -14.54 11.78
N LEU A 56 16.81 -14.65 11.85
CA LEU A 56 17.57 -15.33 10.79
C LEU A 56 17.05 -16.72 10.47
N GLU A 57 16.71 -17.48 11.51
CA GLU A 57 16.28 -18.87 11.32
C GLU A 57 14.95 -19.03 10.60
N THR A 58 14.14 -17.98 10.57
CA THR A 58 12.81 -18.11 9.96
C THR A 58 12.52 -17.08 8.92
N HIS A 59 13.50 -16.19 8.66
CA HIS A 59 13.28 -15.08 7.72
C HIS A 59 12.95 -15.54 6.32
N GLU A 60 13.44 -16.73 5.96
CA GLU A 60 13.39 -17.24 4.60
C GLU A 60 12.06 -17.91 4.24
N GLU A 61 11.43 -18.59 5.19
CA GLU A 61 10.09 -19.17 4.99
C GLU A 61 8.94 -18.26 5.47
N ALA A 62 9.27 -17.09 6.01
CA ALA A 62 8.29 -16.19 6.60
C ALA A 62 7.35 -15.62 5.55
N SER A 63 6.05 -15.73 5.78
CA SER A 63 5.05 -15.13 4.90
C SER A 63 5.10 -13.60 5.05
N VAL A 64 5.41 -13.13 6.26
CA VAL A 64 5.63 -11.70 6.46
C VAL A 64 7.14 -11.41 6.45
N LYS A 65 7.61 -10.82 5.38
CA LYS A 65 9.08 -10.75 5.15
C LYS A 65 9.85 -9.78 6.03
N MET A 66 9.23 -8.74 6.57
CA MET A 66 9.93 -7.85 7.48
C MET A 66 11.27 -7.39 6.87
N LEU A 67 11.18 -6.76 5.70
CA LEU A 67 12.35 -6.36 4.92
C LEU A 67 13.04 -5.10 5.45
N PRO A 68 14.31 -5.23 5.84
CA PRO A 68 15.08 -4.04 6.24
C PRO A 68 15.11 -3.03 5.09
N THR A 69 14.99 -1.74 5.40
CA THR A 69 14.89 -0.70 4.36
C THR A 69 16.10 0.25 4.30
N TYR A 70 16.97 0.19 5.31
CA TYR A 70 18.16 1.05 5.45
C TYR A 70 17.83 2.51 5.74
N VAL A 71 16.55 2.78 5.98
CA VAL A 71 16.17 4.07 6.55
C VAL A 71 16.34 3.93 8.06
N ARG A 72 17.12 4.83 8.65
CA ARG A 72 17.54 4.67 10.04
C ARG A 72 17.23 5.90 10.83
N SER A 73 17.21 5.76 12.16
CA SER A 73 17.00 6.91 13.05
C SER A 73 18.31 7.63 13.36
N THR A 74 19.43 6.95 13.15
CA THR A 74 20.73 7.42 13.63
C THR A 74 21.23 8.71 12.95
N PRO A 75 21.19 8.77 11.58
CA PRO A 75 21.98 9.78 10.89
C PRO A 75 21.67 11.20 11.33
N GLU A 76 22.68 12.06 11.21
CA GLU A 76 22.52 13.49 11.40
C GLU A 76 22.87 14.17 10.07
N GLY A 77 22.39 15.39 9.88
CA GLY A 77 22.77 16.18 8.73
C GLY A 77 22.08 15.76 7.44
N SER A 78 21.69 16.76 6.66
CA SER A 78 21.03 16.55 5.41
C SER A 78 21.49 17.59 4.40
N GLU A 79 21.69 17.14 3.16
CA GLU A 79 21.97 18.06 2.06
C GLU A 79 20.72 18.86 1.74
N VAL A 80 20.89 20.06 1.18
CA VAL A 80 19.76 20.89 0.73
C VAL A 80 19.79 20.98 -0.80
N GLY A 81 18.74 21.53 -1.40
CA GLY A 81 18.69 21.66 -2.85
C GLY A 81 17.48 21.01 -3.52
N ASP A 82 17.58 20.76 -4.81
CA ASP A 82 16.46 20.21 -5.58
C ASP A 82 16.66 18.73 -5.81
N PHE A 83 15.60 17.94 -5.67
CA PHE A 83 15.68 16.50 -5.90
C PHE A 83 14.56 16.07 -6.83
N LEU A 84 14.86 15.07 -7.65
CA LEU A 84 13.85 14.42 -8.46
C LEU A 84 13.32 13.19 -7.71
N SER A 85 11.99 13.02 -7.69
CA SER A 85 11.31 11.87 -7.08
C SER A 85 10.53 11.13 -8.13
N LEU A 86 10.74 9.82 -8.21
CA LEU A 86 9.91 8.98 -9.08
C LEU A 86 8.94 8.20 -8.20
N ASP A 87 7.76 7.88 -8.72
CA ASP A 87 6.87 6.96 -8.02
C ASP A 87 6.30 5.92 -8.96
N LEU A 88 6.66 4.65 -8.75
CA LEU A 88 6.06 3.56 -9.54
C LEU A 88 5.33 2.57 -8.67
N GLY A 89 4.10 2.24 -9.05
CA GLY A 89 3.31 1.27 -8.31
C GLY A 89 1.86 1.63 -8.09
N GLY A 90 1.48 2.82 -8.53
CA GLY A 90 0.06 3.12 -8.80
C GLY A 90 -0.22 2.54 -10.18
N THR A 91 -1.41 2.82 -10.72
CA THR A 91 -1.66 2.50 -12.12
C THR A 91 -0.97 3.56 -12.97
N ASN A 92 -0.77 4.74 -12.37
CA ASN A 92 -0.04 5.85 -12.97
C ASN A 92 1.37 5.97 -12.42
N PHE A 93 2.30 6.33 -13.30
CA PHE A 93 3.69 6.62 -12.96
C PHE A 93 3.88 8.13 -12.86
N ARG A 94 4.50 8.60 -11.79
CA ARG A 94 4.62 10.03 -11.52
C ARG A 94 6.09 10.47 -11.39
N VAL A 95 6.38 11.68 -11.88
CA VAL A 95 7.72 12.25 -11.86
C VAL A 95 7.57 13.65 -11.31
N MET A 96 8.33 13.98 -10.28
CA MET A 96 8.24 15.31 -9.71
C MET A 96 9.57 15.86 -9.23
N LEU A 97 9.62 17.18 -9.11
CA LEU A 97 10.74 17.86 -8.54
C LEU A 97 10.34 18.34 -7.18
N VAL A 98 11.22 18.20 -6.20
CA VAL A 98 10.95 18.68 -4.85
C VAL A 98 12.16 19.36 -4.21
N LYS A 99 11.92 20.49 -3.59
CA LYS A 99 12.97 21.26 -2.99
C LYS A 99 13.06 21.01 -1.50
N VAL A 100 14.24 20.61 -1.07
CA VAL A 100 14.55 20.41 0.34
C VAL A 100 15.44 21.56 0.82
N GLY A 101 15.16 22.04 2.02
CA GLY A 101 15.93 23.13 2.58
C GLY A 101 15.89 22.99 4.08
N GLU A 102 16.53 23.93 4.78
CA GLU A 102 16.77 23.82 6.23
C GLU A 102 15.68 24.52 7.04
N GLY A 103 15.08 23.78 7.97
CA GLY A 103 13.98 24.29 8.80
C GLY A 103 14.25 24.30 10.30
N GLU A 104 13.24 23.90 11.05
CA GLU A 104 13.32 23.82 12.50
C GLU A 104 13.33 22.38 12.88
N GLU A 105 14.30 22.00 13.73
CA GLU A 105 14.51 20.60 14.16
C GLU A 105 14.54 19.62 12.97
N GLY A 106 14.81 20.17 11.78
CA GLY A 106 14.88 19.39 10.55
C GLY A 106 14.62 20.16 9.26
N GLN A 107 14.49 19.39 8.18
CA GLN A 107 14.38 19.94 6.84
C GLN A 107 12.91 20.08 6.40
N TRP A 108 12.58 21.20 5.76
CA TRP A 108 11.30 21.28 5.04
C TRP A 108 11.45 20.70 3.64
N SER A 109 10.34 20.44 2.98
CA SER A 109 10.35 19.95 1.61
C SER A 109 9.05 20.40 0.98
N VAL A 110 9.06 20.59 -0.34
CA VAL A 110 7.86 21.01 -1.06
C VAL A 110 7.96 20.59 -2.51
N LYS A 111 6.87 20.06 -3.04
CA LYS A 111 6.76 19.73 -4.43
C LYS A 111 6.63 21.04 -5.21
N THR A 112 7.40 21.18 -6.26
CA THR A 112 7.44 22.39 -7.08
C THR A 112 6.92 22.09 -8.48
N LYS A 113 7.32 20.96 -9.05
CA LYS A 113 6.96 20.64 -10.43
C LYS A 113 6.57 19.18 -10.47
N HIS A 114 5.60 18.82 -11.30
CA HIS A 114 5.09 17.43 -11.35
C HIS A 114 4.38 17.08 -12.63
N GLN A 115 4.39 15.79 -12.98
CA GLN A 115 3.73 15.28 -14.18
C GLN A 115 3.38 13.80 -13.99
N MET A 116 2.20 13.40 -14.45
CA MET A 116 1.75 12.01 -14.39
C MET A 116 1.73 11.39 -15.78
N TYR A 117 2.00 10.09 -15.87
CA TYR A 117 1.95 9.37 -17.14
C TYR A 117 1.25 8.05 -16.93
N SER A 118 0.42 7.65 -17.88
CA SER A 118 -0.13 6.29 -17.88
C SER A 118 0.92 5.34 -18.42
N ILE A 119 0.75 4.05 -18.16
CA ILE A 119 1.62 3.03 -18.74
C ILE A 119 0.74 2.08 -19.58
N PRO A 120 1.07 1.92 -20.89
CA PRO A 120 0.23 1.12 -21.80
C PRO A 120 0.35 -0.39 -21.59
N GLU A 121 -0.63 -1.12 -22.09
CA GLU A 121 -0.65 -2.60 -22.08
C GLU A 121 0.67 -3.23 -22.53
N ASP A 122 1.04 -3.01 -23.79
CA ASP A 122 2.22 -3.64 -24.42
C ASP A 122 3.55 -3.28 -23.74
N ALA A 123 3.54 -2.21 -22.94
CA ALA A 123 4.71 -1.80 -22.15
C ALA A 123 4.74 -2.49 -20.78
N MET A 124 3.75 -3.34 -20.53
CA MET A 124 3.67 -4.10 -19.28
C MET A 124 3.46 -5.61 -19.50
N THR A 125 3.05 -6.00 -20.71
CA THR A 125 3.02 -7.42 -21.10
C THR A 125 4.45 -7.86 -21.40
N GLY A 126 5.30 -6.89 -21.73
CA GLY A 126 6.65 -7.15 -22.18
C GLY A 126 7.64 -7.37 -21.08
N THR A 127 8.88 -6.98 -21.34
CA THR A 127 10.00 -7.21 -20.42
C THR A 127 10.15 -6.02 -19.47
N ALA A 128 11.06 -6.19 -18.51
CA ALA A 128 11.43 -5.13 -17.56
C ALA A 128 12.21 -4.03 -18.26
N GLU A 129 13.09 -4.44 -19.17
CA GLU A 129 13.90 -3.52 -19.97
C GLU A 129 12.98 -2.50 -20.65
N MET A 130 11.97 -3.02 -21.34
CA MET A 130 10.99 -2.20 -22.07
C MET A 130 10.32 -1.21 -21.13
N LEU A 131 9.79 -1.74 -20.03
CA LEU A 131 9.13 -0.93 -19.00
C LEU A 131 10.01 0.22 -18.51
N PHE A 132 11.23 -0.08 -18.13
CA PHE A 132 12.13 0.96 -17.60
C PHE A 132 12.59 1.96 -18.64
N ASP A 133 12.57 1.53 -19.90
CA ASP A 133 12.75 2.44 -21.05
C ASP A 133 11.59 3.45 -21.16
N TYR A 134 10.35 2.95 -21.10
CA TYR A 134 9.17 3.82 -21.02
C TYR A 134 9.30 4.86 -19.90
N ILE A 135 9.71 4.39 -18.73
CA ILE A 135 9.97 5.26 -17.57
C ILE A 135 10.99 6.35 -17.92
N SER A 136 12.13 5.92 -18.48
CA SER A 136 13.18 6.83 -18.97
C SER A 136 12.67 7.82 -20.01
N GLU A 137 11.84 7.33 -20.93
CA GLU A 137 11.17 8.18 -21.92
C GLU A 137 10.26 9.22 -21.24
N CYS A 138 9.58 8.82 -20.17
CA CYS A 138 8.74 9.73 -19.39
C CYS A 138 9.59 10.76 -18.63
N ILE A 139 10.74 10.33 -18.10
CA ILE A 139 11.60 11.26 -17.37
C ILE A 139 12.08 12.38 -18.31
N SER A 140 12.55 12.00 -19.49
CA SER A 140 13.03 12.96 -20.48
C SER A 140 11.94 13.99 -20.84
N ASP A 141 10.75 13.48 -21.16
CA ASP A 141 9.54 14.28 -21.39
C ASP A 141 9.34 15.36 -20.33
N PHE A 142 9.42 14.97 -19.05
CA PHE A 142 9.27 15.89 -17.92
C PHE A 142 10.40 16.91 -17.87
N LEU A 143 11.62 16.49 -18.21
CA LEU A 143 12.77 17.38 -18.22
C LEU A 143 12.69 18.37 -19.39
N ASP A 144 12.41 17.84 -20.58
CA ASP A 144 12.13 18.65 -21.77
C ASP A 144 11.22 19.79 -21.35
N LYS A 145 10.00 19.41 -20.95
CA LYS A 145 8.94 20.34 -20.61
C LYS A 145 9.27 21.33 -19.49
N HIS A 146 10.33 21.09 -18.73
CA HIS A 146 10.64 21.99 -17.61
C HIS A 146 12.01 22.66 -17.68
N GLN A 147 12.50 22.90 -18.90
CA GLN A 147 13.81 23.55 -19.14
C GLN A 147 14.92 22.92 -18.29
N MET A 148 14.89 21.59 -18.21
CA MET A 148 15.63 20.86 -17.20
C MET A 148 16.60 19.87 -17.82
N LYS A 149 16.30 19.45 -19.06
CA LYS A 149 17.00 18.36 -19.77
C LYS A 149 18.52 18.31 -19.54
N HIS A 150 19.13 19.48 -19.41
CA HIS A 150 20.59 19.64 -19.28
C HIS A 150 21.16 19.38 -17.88
N LYS A 151 20.35 19.55 -16.83
CA LYS A 151 20.81 19.46 -15.44
C LYS A 151 20.94 18.01 -14.95
N LYS A 152 21.73 17.79 -13.89
CA LYS A 152 21.83 16.47 -13.25
C LYS A 152 21.59 16.57 -11.75
N LEU A 153 20.67 15.74 -11.25
CA LEU A 153 20.18 15.82 -9.86
C LEU A 153 20.15 14.48 -9.13
N PRO A 154 20.23 14.51 -7.78
CA PRO A 154 20.03 13.25 -7.06
C PRO A 154 18.54 12.84 -7.16
N LEU A 155 18.29 11.57 -7.52
CA LEU A 155 16.94 11.06 -7.73
C LEU A 155 16.54 10.08 -6.62
N GLY A 156 15.31 10.25 -6.10
CA GLY A 156 14.70 9.35 -5.11
C GLY A 156 13.63 8.52 -5.78
N PHE A 157 13.70 7.20 -5.61
CA PHE A 157 12.76 6.30 -6.27
C PHE A 157 11.81 5.62 -5.25
N THR A 158 10.55 6.08 -5.19
CA THR A 158 9.46 5.35 -4.47
C THR A 158 8.95 4.19 -5.33
N PHE A 159 9.14 2.97 -4.85
CA PHE A 159 8.86 1.79 -5.64
C PHE A 159 8.05 0.84 -4.75
N SER A 160 6.76 0.74 -5.04
CA SER A 160 5.77 0.14 -4.14
C SER A 160 5.66 -1.35 -4.34
N PHE A 161 6.76 -2.08 -4.15
CA PHE A 161 6.79 -3.53 -4.35
C PHE A 161 7.79 -4.14 -3.37
N PRO A 162 7.64 -5.43 -3.06
CA PRO A 162 8.55 -5.99 -2.07
C PRO A 162 9.97 -6.08 -2.66
N VAL A 163 10.93 -5.49 -1.94
CA VAL A 163 12.33 -5.50 -2.33
C VAL A 163 13.21 -5.96 -1.15
N ARG A 164 14.15 -6.87 -1.42
CA ARG A 164 15.24 -7.14 -0.46
C ARG A 164 16.44 -6.21 -0.73
N HIS A 165 16.66 -5.27 0.19
CA HIS A 165 17.71 -4.26 0.07
C HIS A 165 19.08 -4.79 0.51
N GLU A 166 20.14 -4.33 -0.16
CA GLU A 166 21.51 -4.50 0.34
C GLU A 166 21.91 -3.20 1.00
N ASP A 167 21.33 -2.11 0.53
CA ASP A 167 21.58 -0.77 1.07
C ASP A 167 20.44 0.15 0.58
N ILE A 168 20.45 1.40 1.07
CA ILE A 168 19.52 2.44 0.64
C ILE A 168 19.38 2.64 -0.88
N ASP A 169 20.39 2.23 -1.66
CA ASP A 169 20.40 2.46 -3.11
C ASP A 169 20.51 1.19 -3.91
N LYS A 170 20.23 0.07 -3.28
CA LYS A 170 20.36 -1.21 -3.95
C LYS A 170 19.49 -2.23 -3.24
N GLY A 171 18.73 -2.96 -4.05
CA GLY A 171 17.99 -4.11 -3.59
C GLY A 171 17.19 -4.69 -4.73
N ILE A 172 16.82 -5.95 -4.60
CA ILE A 172 16.21 -6.71 -5.68
C ILE A 172 14.70 -6.88 -5.50
N LEU A 173 13.99 -6.94 -6.63
CA LEU A 173 12.56 -7.19 -6.64
C LEU A 173 12.34 -8.63 -6.31
N LEU A 174 11.56 -8.89 -5.27
CA LEU A 174 11.26 -10.26 -4.88
C LEU A 174 10.18 -10.89 -5.77
N ASN A 175 9.11 -10.14 -6.00
CA ASN A 175 8.08 -10.53 -6.98
C ASN A 175 7.11 -9.40 -7.14
N TRP A 176 6.41 -9.39 -8.26
CA TRP A 176 5.42 -8.37 -8.50
C TRP A 176 4.19 -8.64 -7.64
N THR A 177 3.46 -7.58 -7.29
CA THR A 177 2.16 -7.69 -6.60
C THR A 177 1.20 -6.76 -7.36
N LYS A 178 -0.09 -6.80 -7.02
CA LYS A 178 -1.10 -5.86 -7.52
C LYS A 178 -1.34 -5.98 -9.05
N GLY A 179 -1.01 -7.15 -9.62
CA GLY A 179 -1.25 -7.40 -11.04
C GLY A 179 -0.20 -6.87 -12.01
N PHE A 180 0.93 -6.38 -11.51
CA PHE A 180 2.05 -6.03 -12.38
C PHE A 180 2.68 -7.30 -12.92
N LYS A 181 2.82 -7.34 -14.23
CA LYS A 181 3.60 -8.36 -14.90
C LYS A 181 4.73 -7.56 -15.51
N ALA A 182 5.86 -8.23 -15.70
CA ALA A 182 6.95 -7.72 -16.53
C ALA A 182 8.04 -8.75 -16.36
N SER A 183 8.40 -9.38 -17.47
CA SER A 183 9.36 -10.47 -17.47
C SER A 183 10.74 -9.90 -17.16
N GLY A 184 11.58 -10.73 -16.55
CA GLY A 184 12.95 -10.36 -16.26
C GLY A 184 13.16 -9.27 -15.21
N ALA A 185 12.17 -9.04 -14.34
CA ALA A 185 12.35 -8.08 -13.24
C ALA A 185 12.68 -8.77 -11.92
N GLU A 186 11.94 -9.83 -11.62
CA GLU A 186 12.06 -10.60 -10.39
C GLU A 186 13.45 -11.24 -10.26
N GLY A 187 14.16 -10.91 -9.16
CA GLY A 187 15.49 -11.43 -8.88
C GLY A 187 16.60 -10.42 -9.14
N ASN A 188 16.26 -9.26 -9.70
CA ASN A 188 17.23 -8.23 -10.15
C ASN A 188 17.24 -6.96 -9.33
N ASN A 189 18.38 -6.28 -9.33
CA ASN A 189 18.52 -4.96 -8.74
C ASN A 189 17.69 -3.92 -9.50
N VAL A 190 16.57 -3.50 -8.90
CA VAL A 190 15.64 -2.52 -9.50
C VAL A 190 16.30 -1.17 -9.83
N VAL A 191 17.22 -0.72 -8.96
CA VAL A 191 18.01 0.49 -9.19
C VAL A 191 18.94 0.30 -10.40
N GLY A 192 19.56 -0.87 -10.49
CA GLY A 192 20.35 -1.25 -11.66
C GLY A 192 19.53 -1.14 -12.92
N LEU A 193 18.34 -1.73 -12.89
CA LEU A 193 17.43 -1.73 -14.05
C LEU A 193 17.10 -0.35 -14.55
N LEU A 194 17.07 0.62 -13.63
CA LEU A 194 16.75 2.01 -13.96
C LEU A 194 17.99 2.79 -14.39
N ARG A 195 19.16 2.42 -13.89
CA ARG A 195 20.39 3.07 -14.31
C ARG A 195 20.70 2.61 -15.74
N ASP A 196 20.52 1.31 -15.98
CA ASP A 196 20.66 0.68 -17.31
C ASP A 196 19.76 1.32 -18.36
N ALA A 197 18.64 1.88 -17.92
CA ALA A 197 17.68 2.50 -18.84
C ALA A 197 17.98 3.97 -19.05
N ILE A 198 18.47 4.64 -18.01
CA ILE A 198 18.96 6.00 -18.12
C ILE A 198 20.17 6.02 -19.07
N LYS A 199 21.08 5.05 -18.90
CA LYS A 199 22.26 4.88 -19.76
C LYS A 199 21.89 4.64 -21.22
N ARG A 200 20.97 3.70 -21.47
CA ARG A 200 20.49 3.37 -22.82
C ARG A 200 19.65 4.46 -23.46
N ARG A 201 19.69 5.66 -22.90
CA ARG A 201 18.98 6.80 -23.44
C ARG A 201 19.94 7.98 -23.68
N GLY A 202 21.05 8.00 -22.93
CA GLY A 202 22.15 8.97 -23.11
C GLY A 202 21.74 10.43 -22.89
N ASP A 203 20.48 10.70 -23.23
CA ASP A 203 19.78 11.96 -23.05
C ASP A 203 20.22 12.80 -21.84
N PHE A 204 20.17 12.19 -20.65
CA PHE A 204 20.33 12.91 -19.37
C PHE A 204 21.11 12.10 -18.33
N GLU A 205 21.68 12.81 -17.36
CA GLU A 205 22.37 12.17 -16.22
C GLU A 205 21.61 12.39 -14.91
N MET A 206 21.48 11.33 -14.11
CA MET A 206 20.75 11.35 -12.84
C MET A 206 21.47 10.51 -11.81
N ASP A 207 21.53 10.99 -10.58
CA ASP A 207 22.24 10.27 -9.52
C ASP A 207 21.30 9.51 -8.53
N VAL A 208 20.82 8.33 -8.92
CA VAL A 208 19.91 7.52 -8.07
C VAL A 208 20.49 7.25 -6.67
N VAL A 209 20.05 8.06 -5.71
CA VAL A 209 20.59 8.04 -4.35
C VAL A 209 19.76 7.19 -3.34
N ALA A 210 18.48 6.89 -3.64
CA ALA A 210 17.59 6.19 -2.69
C ALA A 210 16.36 5.60 -3.34
N MET A 211 16.12 4.33 -3.02
CA MET A 211 14.90 3.63 -3.35
C MET A 211 14.14 3.30 -2.04
N VAL A 212 12.88 3.70 -1.99
CA VAL A 212 12.01 3.41 -0.85
C VAL A 212 10.62 2.89 -1.22
N ASN A 213 10.00 2.25 -0.24
CA ASN A 213 8.64 1.72 -0.37
C ASN A 213 7.68 2.89 -0.18
N ASP A 214 6.47 2.82 -0.72
CA ASP A 214 5.46 3.88 -0.42
C ASP A 214 5.15 4.10 1.07
N THR A 215 5.12 3.01 1.85
CA THR A 215 4.80 3.11 3.27
C THR A 215 5.87 3.96 3.91
N VAL A 216 7.12 3.62 3.59
CA VAL A 216 8.31 4.35 4.12
C VAL A 216 8.30 5.84 3.69
N ALA A 217 7.99 6.09 2.42
CA ALA A 217 7.86 7.46 1.94
C ALA A 217 6.83 8.25 2.74
N THR A 218 5.64 7.66 2.90
CA THR A 218 4.56 8.27 3.72
C THR A 218 5.04 8.47 5.15
N MET A 219 5.65 7.45 5.73
CA MET A 219 6.14 7.61 7.12
C MET A 219 7.05 8.81 7.21
N ILE A 220 8.07 8.83 6.35
CA ILE A 220 9.09 9.90 6.41
C ILE A 220 8.49 11.29 6.23
N SER A 221 7.54 11.42 5.31
CA SER A 221 6.94 12.73 5.06
C SER A 221 6.11 13.28 6.22
N CYS A 222 5.71 12.43 7.15
CA CYS A 222 4.93 12.91 8.32
C CYS A 222 5.84 13.21 9.48
N TYR A 223 7.09 12.77 9.36
CA TYR A 223 8.08 12.96 10.42
C TYR A 223 8.39 14.42 10.66
N TYR A 224 8.46 15.24 9.60
CA TYR A 224 8.85 16.65 9.82
C TYR A 224 7.94 17.33 10.82
N GLU A 225 6.63 17.21 10.61
CA GLU A 225 5.64 17.82 11.50
C GLU A 225 5.36 17.01 12.79
N ASP A 226 5.72 15.73 12.83
CA ASP A 226 5.45 14.90 14.01
C ASP A 226 6.53 13.84 14.29
N HIS A 227 7.51 14.22 15.13
CA HIS A 227 8.63 13.34 15.48
C HIS A 227 8.23 11.95 16.00
N GLN A 228 7.00 11.86 16.49
CA GLN A 228 6.43 10.62 17.01
C GLN A 228 6.01 9.69 15.89
N CYS A 229 6.05 10.16 14.65
CA CYS A 229 5.59 9.32 13.55
C CYS A 229 6.61 8.22 13.26
N GLU A 230 6.25 7.00 13.64
CA GLU A 230 7.14 5.86 13.48
C GLU A 230 6.50 4.68 12.74
N VAL A 231 5.36 4.90 12.09
CA VAL A 231 4.68 3.82 11.36
C VAL A 231 4.18 4.48 10.12
N GLY A 232 4.28 3.80 8.98
CA GLY A 232 3.69 4.27 7.72
C GLY A 232 2.77 3.17 7.22
N MET A 233 1.58 3.55 6.73
CA MET A 233 0.59 2.57 6.24
C MET A 233 -0.07 3.00 4.93
N ILE A 234 -0.28 2.05 4.03
CA ILE A 234 -0.96 2.32 2.78
C ILE A 234 -2.21 1.42 2.71
N VAL A 235 -3.37 2.01 2.44
CA VAL A 235 -4.57 1.23 2.10
C VAL A 235 -5.11 1.83 0.79
N GLY A 236 -4.64 1.32 -0.35
CA GLY A 236 -5.00 1.86 -1.68
C GLY A 236 -5.32 0.69 -2.57
N THR A 237 -4.67 0.60 -3.71
CA THR A 237 -4.80 -0.56 -4.56
C THR A 237 -4.34 -1.78 -3.78
N GLY A 238 -3.24 -1.63 -3.05
CA GLY A 238 -2.70 -2.70 -2.21
C GLY A 238 -2.72 -2.20 -0.78
N CYS A 239 -2.19 -3.02 0.14
CA CYS A 239 -2.22 -2.69 1.57
C CYS A 239 -0.94 -3.20 2.25
N ASN A 240 -0.25 -2.33 2.99
CA ASN A 240 1.07 -2.66 3.58
C ASN A 240 1.38 -1.67 4.70
N ALA A 241 2.34 -1.97 5.56
CA ALA A 241 2.80 -1.01 6.56
C ALA A 241 4.31 -1.11 6.76
N CYS A 242 4.89 -0.10 7.40
CA CYS A 242 6.28 -0.15 7.83
C CYS A 242 6.31 0.58 9.18
N TYR A 243 7.35 0.34 9.97
CA TYR A 243 7.46 0.90 11.32
C TYR A 243 8.94 0.82 11.70
N MET A 244 9.34 1.66 12.65
CA MET A 244 10.69 1.71 13.16
C MET A 244 10.94 0.54 14.14
N GLU A 245 11.88 -0.35 13.78
CA GLU A 245 12.25 -1.48 14.64
C GLU A 245 13.60 -1.24 15.36
N GLU A 246 13.80 -1.86 16.53
CA GLU A 246 15.10 -1.72 17.23
C GLU A 246 16.09 -2.52 16.45
N MET A 247 17.28 -1.95 16.18
CA MET A 247 18.34 -2.62 15.39
C MET A 247 18.75 -4.03 15.91
N GLN A 248 18.73 -4.23 17.22
CA GLN A 248 19.01 -5.58 17.76
C GLN A 248 17.99 -6.63 17.33
N ASN A 249 16.77 -6.20 17.04
CA ASN A 249 15.77 -7.14 16.55
C ASN A 249 15.89 -7.38 15.06
N VAL A 250 16.57 -6.45 14.36
CA VAL A 250 16.78 -6.65 12.92
C VAL A 250 18.04 -7.52 12.72
N GLU A 251 17.88 -8.83 12.87
CA GLU A 251 18.98 -9.78 12.77
C GLU A 251 19.60 -9.84 11.36
N LEU A 252 18.87 -9.37 10.34
CA LEU A 252 19.36 -9.41 8.97
C LEU A 252 20.30 -8.25 8.61
N VAL A 253 20.45 -7.30 9.52
CA VAL A 253 21.43 -6.23 9.40
C VAL A 253 22.23 -6.21 10.71
N GLU A 254 23.54 -6.44 10.59
CA GLU A 254 24.46 -6.42 11.71
C GLU A 254 24.40 -5.06 12.40
N GLY A 255 24.34 -5.04 13.73
CA GLY A 255 24.22 -3.80 14.48
C GLY A 255 23.07 -3.80 15.49
N ASP A 256 23.21 -2.96 16.50
CA ASP A 256 22.30 -2.89 17.64
C ASP A 256 22.04 -1.43 17.95
N GLU A 257 22.60 -0.57 17.13
CA GLU A 257 22.58 0.84 17.42
C GLU A 257 21.34 1.48 16.78
N GLY A 258 20.52 2.14 17.60
CA GLY A 258 19.35 2.86 17.11
C GLY A 258 18.26 2.00 16.48
N ARG A 259 17.52 2.61 15.54
CA ARG A 259 16.40 1.93 14.90
C ARG A 259 16.49 1.95 13.38
N MET A 260 15.94 0.93 12.75
CA MET A 260 15.78 0.95 11.31
C MET A 260 14.32 0.68 10.92
N CYS A 261 13.86 1.37 9.87
CA CYS A 261 12.53 1.10 9.32
C CYS A 261 12.50 -0.25 8.69
N VAL A 262 11.47 -1.01 9.02
CA VAL A 262 11.21 -2.31 8.42
C VAL A 262 9.92 -2.30 7.57
N ASN A 263 10.03 -2.74 6.32
CA ASN A 263 8.91 -2.90 5.43
C ASN A 263 8.30 -4.28 5.69
N THR A 264 7.20 -4.33 6.46
CA THR A 264 6.62 -5.62 6.86
C THR A 264 6.18 -6.46 5.65
N GLU A 265 5.68 -5.80 4.61
CA GLU A 265 4.98 -6.49 3.51
C GLU A 265 3.86 -7.39 4.07
N TRP A 266 3.03 -6.80 4.92
CA TRP A 266 2.00 -7.63 5.57
C TRP A 266 0.93 -8.09 4.61
N GLY A 267 0.99 -7.58 3.38
CA GLY A 267 0.10 -8.02 2.32
C GLY A 267 0.14 -9.52 2.12
N ALA A 268 1.30 -10.13 2.38
CA ALA A 268 1.45 -11.57 2.14
C ALA A 268 1.11 -12.43 3.35
N PHE A 269 0.75 -11.79 4.46
CA PHE A 269 0.15 -12.52 5.59
C PHE A 269 -0.99 -13.41 5.13
N GLY A 270 -1.05 -14.62 5.68
CA GLY A 270 -1.98 -15.61 5.19
C GLY A 270 -1.40 -16.51 4.12
N ASP A 271 -0.33 -16.10 3.44
CA ASP A 271 0.25 -16.93 2.36
C ASP A 271 0.76 -18.34 2.84
N SER A 272 0.97 -18.51 4.15
CA SER A 272 1.36 -19.80 4.72
C SER A 272 0.19 -20.49 5.42
N GLY A 273 -1.02 -20.04 5.11
CA GLY A 273 -2.23 -20.63 5.68
C GLY A 273 -2.75 -20.05 6.99
N GLU A 274 -2.17 -18.94 7.46
CA GLU A 274 -2.55 -18.35 8.76
C GLU A 274 -3.98 -17.77 8.83
N LEU A 275 -4.60 -17.57 7.66
CA LEU A 275 -5.90 -16.95 7.60
C LEU A 275 -6.98 -17.94 7.09
N ASP A 276 -6.61 -19.21 6.90
CA ASP A 276 -7.51 -20.23 6.29
C ASP A 276 -8.89 -20.33 6.91
N GLU A 277 -8.99 -20.23 8.22
CA GLU A 277 -10.29 -20.35 8.88
C GLU A 277 -11.24 -19.16 8.58
N PHE A 278 -10.68 -18.04 8.14
CA PHE A 278 -11.48 -16.83 7.90
C PHE A 278 -11.84 -16.65 6.43
N LEU A 279 -11.13 -17.32 5.54
CA LEU A 279 -11.33 -17.07 4.12
C LEU A 279 -12.72 -17.52 3.64
N LEU A 280 -13.34 -16.69 2.80
CA LEU A 280 -14.66 -17.01 2.27
C LEU A 280 -14.57 -17.55 0.85
N GLU A 281 -15.64 -18.19 0.40
CA GLU A 281 -15.78 -18.59 -1.00
C GLU A 281 -15.35 -17.46 -1.96
N TYR A 282 -15.74 -16.21 -1.64
CA TYR A 282 -15.45 -15.04 -2.49
C TYR A 282 -13.94 -14.77 -2.53
N ASP A 283 -13.26 -15.01 -1.41
CA ASP A 283 -11.81 -14.80 -1.35
C ASP A 283 -11.08 -15.84 -2.18
N ARG A 284 -11.52 -17.09 -2.07
CA ARG A 284 -10.89 -18.15 -2.85
C ARG A 284 -11.07 -17.91 -4.35
N LEU A 285 -12.26 -17.45 -4.73
CA LEU A 285 -12.49 -17.06 -6.12
C LEU A 285 -11.66 -15.89 -6.61
N VAL A 286 -11.52 -14.84 -5.78
CA VAL A 286 -10.67 -13.68 -6.14
C VAL A 286 -9.21 -14.12 -6.34
N ASP A 287 -8.75 -14.98 -5.44
CA ASP A 287 -7.38 -15.49 -5.43
C ASP A 287 -7.04 -16.28 -6.68
N GLU A 288 -7.89 -17.27 -6.99
CA GLU A 288 -7.69 -18.18 -8.13
C GLU A 288 -7.66 -17.46 -9.47
N SER A 289 -8.40 -16.36 -9.55
CA SER A 289 -8.52 -15.57 -10.76
C SER A 289 -7.50 -14.44 -10.86
N SER A 290 -6.75 -14.19 -9.79
CA SER A 290 -5.77 -13.10 -9.78
C SER A 290 -4.49 -13.41 -10.56
N ALA A 291 -3.72 -12.37 -10.83
CA ALA A 291 -2.43 -12.51 -11.45
C ALA A 291 -1.45 -13.28 -10.54
N ASN A 292 -1.78 -13.42 -9.25
CA ASN A 292 -0.87 -14.04 -8.26
C ASN A 292 -1.48 -15.09 -7.29
N PRO A 293 -2.04 -16.18 -7.83
CA PRO A 293 -2.67 -17.23 -7.05
C PRO A 293 -1.87 -17.62 -5.80
N GLY A 294 -2.52 -17.60 -4.64
CA GLY A 294 -1.89 -18.06 -3.40
C GLY A 294 -0.97 -17.04 -2.74
N GLN A 295 -0.78 -15.88 -3.37
CA GLN A 295 0.00 -14.77 -2.81
C GLN A 295 -0.83 -13.54 -2.41
N GLN A 296 -0.35 -12.81 -1.41
CA GLN A 296 -0.95 -11.54 -0.98
C GLN A 296 -2.38 -11.75 -0.47
N LEU A 297 -2.61 -12.83 0.27
CA LEU A 297 -3.98 -13.17 0.69
C LEU A 297 -4.56 -12.13 1.68
N TYR A 298 -3.76 -11.62 2.62
CA TYR A 298 -4.27 -10.58 3.54
C TYR A 298 -4.65 -9.34 2.78
N GLU A 299 -3.82 -8.97 1.80
CA GLU A 299 -4.10 -7.82 0.95
C GLU A 299 -5.36 -7.96 0.09
N LYS A 300 -5.65 -9.19 -0.29
CA LYS A 300 -6.82 -9.51 -1.10
C LYS A 300 -8.14 -9.34 -0.32
N LEU A 301 -8.05 -9.29 1.01
CA LEU A 301 -9.20 -8.98 1.86
C LEU A 301 -9.48 -7.49 1.98
N ILE A 302 -8.48 -6.67 1.69
CA ILE A 302 -8.47 -5.23 2.06
C ILE A 302 -8.29 -4.32 0.84
N GLY A 303 -7.29 -4.60 0.01
CA GLY A 303 -6.86 -3.67 -1.03
C GLY A 303 -7.92 -3.32 -2.05
N GLY A 304 -7.91 -2.07 -2.50
CA GLY A 304 -8.82 -1.61 -3.54
C GLY A 304 -8.68 -2.31 -4.88
N LYS A 305 -7.60 -3.04 -5.09
CA LYS A 305 -7.48 -3.80 -6.34
C LYS A 305 -8.51 -4.93 -6.34
N TYR A 306 -8.91 -5.37 -5.15
CA TYR A 306 -9.77 -6.52 -4.97
C TYR A 306 -11.17 -6.21 -4.45
N MET A 307 -11.37 -5.06 -3.82
CA MET A 307 -12.60 -4.83 -3.03
C MET A 307 -13.90 -4.83 -3.84
N GLY A 308 -13.88 -4.12 -4.97
CA GLY A 308 -15.00 -4.13 -5.92
C GLY A 308 -15.29 -5.51 -6.48
N GLU A 309 -14.22 -6.23 -6.83
CA GLU A 309 -14.36 -7.61 -7.28
C GLU A 309 -15.01 -8.54 -6.23
N LEU A 310 -14.69 -8.34 -4.93
CA LEU A 310 -15.33 -9.12 -3.86
C LEU A 310 -16.84 -8.85 -3.83
N VAL A 311 -17.21 -7.57 -3.85
CA VAL A 311 -18.61 -7.18 -3.91
C VAL A 311 -19.30 -7.81 -5.14
N ARG A 312 -18.72 -7.62 -6.32
CA ARG A 312 -19.22 -8.26 -7.54
C ARG A 312 -19.60 -9.71 -7.31
N LEU A 313 -18.66 -10.48 -6.76
CA LEU A 313 -18.87 -11.90 -6.49
C LEU A 313 -20.02 -12.15 -5.53
N VAL A 314 -20.14 -11.31 -4.51
CA VAL A 314 -21.22 -11.39 -3.53
C VAL A 314 -22.55 -11.15 -4.23
N LEU A 315 -22.56 -10.18 -5.14
CA LEU A 315 -23.78 -9.87 -5.87
C LEU A 315 -24.17 -11.06 -6.77
N LEU A 316 -23.20 -11.67 -7.45
CA LEU A 316 -23.44 -12.87 -8.27
C LEU A 316 -24.06 -14.01 -7.47
N ARG A 317 -23.59 -14.21 -6.24
CA ARG A 317 -24.12 -15.26 -5.40
C ARG A 317 -25.57 -14.97 -5.05
N LEU A 318 -25.89 -13.69 -4.81
CA LEU A 318 -27.24 -13.31 -4.44
C LEU A 318 -28.18 -13.42 -5.64
N VAL A 319 -27.70 -13.05 -6.82
CA VAL A 319 -28.41 -13.31 -8.08
C VAL A 319 -28.72 -14.82 -8.25
N ASP A 320 -27.73 -15.68 -8.00
CA ASP A 320 -27.89 -17.12 -8.22
C ASP A 320 -28.86 -17.73 -7.22
N GLU A 321 -28.96 -17.14 -6.05
CA GLU A 321 -29.95 -17.58 -5.07
C GLU A 321 -31.29 -16.89 -5.30
N ASN A 322 -31.42 -16.20 -6.43
CA ASN A 322 -32.67 -15.51 -6.77
C ASN A 322 -33.13 -14.49 -5.73
N LEU A 323 -32.17 -13.79 -5.14
CA LEU A 323 -32.42 -12.82 -4.06
C LEU A 323 -32.21 -11.38 -4.47
N LEU A 324 -31.65 -11.17 -5.66
CA LEU A 324 -31.23 -9.86 -6.15
C LEU A 324 -31.49 -9.81 -7.65
N PHE A 325 -31.91 -8.65 -8.17
CA PHE A 325 -32.24 -8.47 -9.60
C PHE A 325 -33.15 -9.58 -10.21
N HIS A 326 -34.08 -10.12 -9.41
CA HIS A 326 -34.90 -11.27 -9.82
C HIS A 326 -34.12 -12.41 -10.49
N GLY A 327 -32.94 -12.75 -9.96
CA GLY A 327 -32.11 -13.81 -10.54
C GLY A 327 -31.52 -13.54 -11.92
N GLU A 328 -31.46 -12.28 -12.34
CA GLU A 328 -30.90 -11.94 -13.64
C GLU A 328 -29.72 -10.97 -13.55
N ALA A 329 -28.56 -11.42 -14.01
CA ALA A 329 -27.37 -10.58 -14.00
C ALA A 329 -27.01 -10.17 -15.42
N SER A 330 -26.76 -8.88 -15.62
CA SER A 330 -26.32 -8.40 -16.92
C SER A 330 -24.95 -8.99 -17.31
N GLU A 331 -24.60 -8.81 -18.58
CA GLU A 331 -23.33 -9.25 -19.14
C GLU A 331 -22.18 -8.54 -18.43
N GLN A 332 -22.36 -7.25 -18.19
CA GLN A 332 -21.39 -6.47 -17.44
C GLN A 332 -21.16 -6.96 -16.01
N LEU A 333 -22.23 -7.32 -15.29
CA LEU A 333 -22.05 -7.79 -13.93
C LEU A 333 -21.29 -9.09 -13.90
N ARG A 334 -21.34 -9.84 -15.00
CA ARG A 334 -20.72 -11.18 -15.09
C ARG A 334 -19.28 -11.15 -15.61
N THR A 335 -18.78 -9.97 -15.92
CA THR A 335 -17.40 -9.86 -16.38
C THR A 335 -16.48 -9.28 -15.29
N ARG A 336 -15.36 -9.98 -15.10
CA ARG A 336 -14.35 -9.65 -14.11
C ARG A 336 -13.90 -8.23 -14.16
N GLY A 337 -13.84 -7.61 -12.98
CA GLY A 337 -13.37 -6.24 -12.87
C GLY A 337 -14.42 -5.16 -13.11
N ALA A 338 -15.63 -5.52 -13.56
CA ALA A 338 -16.66 -4.49 -13.86
C ALA A 338 -17.18 -3.71 -12.65
N PHE A 339 -17.29 -4.38 -11.50
CA PHE A 339 -17.65 -3.68 -10.28
C PHE A 339 -16.42 -3.04 -9.68
N GLU A 340 -16.23 -1.76 -9.98
CA GLU A 340 -15.01 -1.03 -9.60
C GLU A 340 -15.08 -0.65 -8.13
N THR A 341 -13.90 -0.57 -7.52
CA THR A 341 -13.77 -0.29 -6.11
C THR A 341 -14.36 1.06 -5.79
N ARG A 342 -14.25 1.97 -6.74
CA ARG A 342 -14.82 3.29 -6.51
C ARG A 342 -16.36 3.24 -6.44
N PHE A 343 -16.98 2.25 -7.09
CA PHE A 343 -18.44 2.03 -6.99
C PHE A 343 -18.83 1.66 -5.56
N VAL A 344 -17.98 0.87 -4.89
CA VAL A 344 -18.23 0.48 -3.50
C VAL A 344 -18.34 1.72 -2.65
N SER A 345 -17.39 2.65 -2.81
CA SER A 345 -17.39 3.94 -2.08
C SER A 345 -18.57 4.84 -2.45
N GLN A 346 -18.89 4.92 -3.74
CA GLN A 346 -20.05 5.70 -4.17
C GLN A 346 -21.33 5.12 -3.60
N VAL A 347 -21.51 3.81 -3.71
CA VAL A 347 -22.70 3.14 -3.13
C VAL A 347 -22.80 3.53 -1.66
N GLU A 348 -21.70 3.48 -0.92
CA GLU A 348 -21.80 3.84 0.50
C GLU A 348 -21.91 5.34 0.78
N SER A 349 -21.79 6.18 -0.25
CA SER A 349 -21.97 7.64 -0.09
C SER A 349 -23.44 8.04 -0.30
N ASP A 350 -24.23 7.10 -0.81
CA ASP A 350 -25.64 7.34 -1.13
C ASP A 350 -26.39 7.86 0.09
N THR A 351 -27.13 8.94 -0.08
CA THR A 351 -27.74 9.68 1.04
C THR A 351 -29.02 9.01 1.53
N GLY A 352 -29.54 8.06 0.76
CA GLY A 352 -30.78 7.37 1.15
C GLY A 352 -31.83 7.42 0.05
N ASP A 353 -31.63 8.33 -0.89
CA ASP A 353 -32.55 8.43 -2.02
C ASP A 353 -32.23 7.43 -3.15
N ARG A 354 -31.15 6.66 -3.01
CA ARG A 354 -30.80 5.59 -3.97
C ARG A 354 -30.44 6.06 -5.35
N LYS A 355 -30.25 7.38 -5.52
CA LYS A 355 -29.89 7.93 -6.83
C LYS A 355 -28.52 7.46 -7.27
N GLN A 356 -27.55 7.59 -6.37
CA GLN A 356 -26.18 7.13 -6.64
C GLN A 356 -26.15 5.62 -6.95
N ILE A 357 -26.85 4.83 -6.14
CA ILE A 357 -26.83 3.36 -6.27
C ILE A 357 -27.50 2.99 -7.58
N TYR A 358 -28.67 3.60 -7.83
CA TYR A 358 -29.41 3.34 -9.07
C TYR A 358 -28.55 3.63 -10.26
N ASN A 359 -28.02 4.84 -10.32
CA ASN A 359 -27.11 5.21 -11.43
C ASN A 359 -25.94 4.28 -11.65
N ILE A 360 -25.23 3.88 -10.60
CA ILE A 360 -24.12 2.92 -10.79
C ILE A 360 -24.62 1.62 -11.40
N LEU A 361 -25.73 1.10 -10.88
CA LEU A 361 -26.19 -0.22 -11.34
C LEU A 361 -26.75 -0.13 -12.77
N SER A 362 -27.44 0.98 -13.07
CA SER A 362 -27.96 1.26 -14.42
C SER A 362 -26.85 1.26 -15.47
N THR A 363 -25.76 1.95 -15.18
CA THR A 363 -24.56 1.92 -16.01
C THR A 363 -24.04 0.49 -16.24
N LEU A 364 -24.20 -0.37 -15.23
CA LEU A 364 -23.79 -1.76 -15.36
C LEU A 364 -24.84 -2.61 -16.09
N GLY A 365 -25.84 -1.94 -16.67
CA GLY A 365 -26.86 -2.63 -17.47
C GLY A 365 -27.91 -3.36 -16.64
N LEU A 366 -28.13 -2.89 -15.42
CA LEU A 366 -29.16 -3.46 -14.57
C LEU A 366 -30.29 -2.46 -14.40
N ARG A 367 -31.44 -2.94 -13.93
CA ARG A 367 -32.56 -2.06 -13.65
C ARG A 367 -33.08 -2.47 -12.30
N PRO A 368 -32.49 -1.90 -11.23
CA PRO A 368 -32.70 -2.38 -9.88
C PRO A 368 -33.92 -1.79 -9.23
N SER A 369 -34.62 -2.59 -8.43
CA SER A 369 -35.68 -2.08 -7.57
C SER A 369 -35.12 -1.37 -6.33
N THR A 370 -36.01 -0.77 -5.56
CA THR A 370 -35.72 -0.23 -4.26
C THR A 370 -34.91 -1.21 -3.40
N THR A 371 -35.41 -2.43 -3.27
CA THR A 371 -34.82 -3.39 -2.37
C THR A 371 -33.50 -3.93 -2.95
N ASP A 372 -33.41 -4.04 -4.28
CA ASP A 372 -32.17 -4.39 -4.96
C ASP A 372 -31.04 -3.42 -4.56
N CYS A 373 -31.33 -2.13 -4.64
CA CYS A 373 -30.41 -1.07 -4.26
C CYS A 373 -29.98 -1.22 -2.81
N ASP A 374 -30.94 -1.48 -1.92
CA ASP A 374 -30.62 -1.65 -0.50
C ASP A 374 -29.73 -2.84 -0.25
N ILE A 375 -29.97 -3.92 -0.97
CA ILE A 375 -29.21 -5.15 -0.81
C ILE A 375 -27.76 -4.91 -1.28
N VAL A 376 -27.61 -4.22 -2.39
CA VAL A 376 -26.30 -3.84 -2.92
C VAL A 376 -25.49 -2.97 -1.92
N ARG A 377 -26.18 -2.02 -1.29
CA ARG A 377 -25.62 -1.22 -0.21
C ARG A 377 -25.10 -2.11 0.90
N ARG A 378 -25.92 -3.04 1.37
CA ARG A 378 -25.52 -3.96 2.47
C ARG A 378 -24.30 -4.83 2.06
N ALA A 379 -24.23 -5.24 0.80
CA ALA A 379 -23.15 -6.10 0.37
C ALA A 379 -21.83 -5.30 0.40
N CYS A 380 -21.92 -4.00 0.07
CA CYS A 380 -20.75 -3.12 0.07
C CYS A 380 -20.25 -2.93 1.49
N GLU A 381 -21.16 -2.64 2.41
CA GLU A 381 -20.82 -2.40 3.82
C GLU A 381 -20.22 -3.62 4.51
N SER A 382 -20.68 -4.81 4.12
CA SER A 382 -20.16 -6.03 4.70
C SER A 382 -18.68 -6.23 4.26
N VAL A 383 -18.43 -6.09 2.96
CA VAL A 383 -17.07 -6.17 2.44
C VAL A 383 -16.15 -5.04 2.92
N SER A 384 -16.60 -3.79 2.89
CA SER A 384 -15.70 -2.70 3.29
C SER A 384 -15.47 -2.71 4.79
N THR A 385 -16.52 -3.04 5.57
CA THR A 385 -16.40 -3.17 7.04
C THR A 385 -15.46 -4.31 7.42
N ARG A 386 -15.43 -5.38 6.62
CA ARG A 386 -14.52 -6.47 6.92
C ARG A 386 -13.05 -6.07 6.59
N ALA A 387 -12.86 -5.35 5.48
CA ALA A 387 -11.56 -4.78 5.15
C ALA A 387 -11.05 -3.93 6.31
N ALA A 388 -11.87 -3.00 6.79
CA ALA A 388 -11.46 -2.07 7.87
C ALA A 388 -11.05 -2.83 9.14
N HIS A 389 -11.77 -3.91 9.44
CA HIS A 389 -11.56 -4.61 10.69
C HIS A 389 -10.28 -5.47 10.59
N MET A 390 -10.16 -6.20 9.48
CA MET A 390 -8.96 -6.96 9.21
C MET A 390 -7.75 -6.06 9.25
N CYS A 391 -7.85 -4.89 8.61
CA CYS A 391 -6.73 -3.98 8.53
C CYS A 391 -6.37 -3.53 9.95
N SER A 392 -7.38 -3.32 10.78
CA SER A 392 -7.17 -2.79 12.13
C SER A 392 -6.36 -3.79 12.95
N ALA A 393 -6.59 -5.07 12.73
CA ALA A 393 -5.91 -6.11 13.52
C ALA A 393 -4.41 -6.17 13.18
N GLY A 394 -4.05 -5.92 11.91
CA GLY A 394 -2.66 -5.91 11.50
C GLY A 394 -1.92 -4.73 12.09
N LEU A 395 -2.52 -3.55 11.99
CA LEU A 395 -1.94 -2.37 12.62
C LEU A 395 -1.84 -2.49 14.14
N ALA A 396 -2.89 -3.00 14.79
CA ALA A 396 -2.81 -3.24 16.23
C ALA A 396 -1.63 -4.16 16.61
N GLY A 397 -1.40 -5.18 15.79
CA GLY A 397 -0.27 -6.08 16.00
C GLY A 397 1.05 -5.34 15.94
N VAL A 398 1.21 -4.51 14.90
CA VAL A 398 2.39 -3.65 14.74
C VAL A 398 2.56 -2.70 15.93
N ILE A 399 1.51 -1.97 16.26
CA ILE A 399 1.58 -1.11 17.45
C ILE A 399 1.84 -1.83 18.79
N ASN A 400 1.20 -2.96 19.05
CA ASN A 400 1.42 -3.67 20.34
C ASN A 400 2.79 -4.31 20.40
N ARG A 401 3.31 -4.80 19.27
CA ARG A 401 4.71 -5.23 19.21
C ARG A 401 5.65 -4.07 19.59
N MET A 402 5.45 -2.89 19.01
CA MET A 402 6.28 -1.74 19.35
C MET A 402 6.13 -1.36 20.83
N ARG A 403 4.91 -1.44 21.35
CA ARG A 403 4.57 -1.16 22.74
C ARG A 403 5.46 -1.98 23.70
N GLU A 404 5.69 -3.24 23.38
CA GLU A 404 6.51 -4.10 24.22
C GLU A 404 7.95 -3.62 24.43
N SER A 405 8.48 -2.80 23.51
CA SER A 405 9.84 -2.29 23.64
C SER A 405 9.87 -0.89 24.25
N ARG A 406 8.73 -0.42 24.74
CA ARG A 406 8.62 0.95 25.23
C ARG A 406 8.18 0.96 26.70
N SER A 407 8.65 1.98 27.41
CA SER A 407 8.61 2.05 28.87
C SER A 407 7.50 2.93 29.48
N GLU A 408 7.08 3.97 28.77
CA GLU A 408 6.03 4.88 29.26
C GLU A 408 4.77 4.13 29.66
N ASP A 409 3.99 4.75 30.56
CA ASP A 409 2.67 4.25 30.96
C ASP A 409 1.73 4.18 29.76
N VAL A 410 1.70 5.27 29.00
CA VAL A 410 0.92 5.39 27.79
C VAL A 410 1.93 5.60 26.65
N MET A 411 1.95 4.71 25.66
CA MET A 411 2.77 4.97 24.47
C MET A 411 2.02 5.83 23.46
N ARG A 412 2.61 6.97 23.11
CA ARG A 412 2.03 7.88 22.11
C ARG A 412 2.75 7.65 20.79
N ILE A 413 1.98 7.29 19.76
CA ILE A 413 2.58 6.97 18.48
C ILE A 413 1.76 7.61 17.40
N THR A 414 2.42 8.02 16.34
CA THR A 414 1.77 8.59 15.19
C THR A 414 1.94 7.66 13.98
N VAL A 415 0.84 7.46 13.25
CA VAL A 415 0.81 6.61 12.09
C VAL A 415 0.55 7.50 10.87
N GLY A 416 1.43 7.43 9.87
CA GLY A 416 1.22 8.18 8.64
C GLY A 416 0.52 7.28 7.66
N VAL A 417 -0.48 7.81 6.96
CA VAL A 417 -1.34 6.96 6.11
C VAL A 417 -1.62 7.61 4.77
N ASP A 418 -1.69 6.80 3.73
CA ASP A 418 -2.11 7.27 2.40
C ASP A 418 -2.91 6.13 1.79
N GLY A 419 -3.58 6.42 0.69
CA GLY A 419 -4.27 5.42 -0.13
C GLY A 419 -5.73 5.82 -0.29
N SER A 420 -6.30 5.64 -1.47
CA SER A 420 -7.70 6.02 -1.74
C SER A 420 -8.78 5.26 -0.93
N VAL A 421 -8.57 3.98 -0.62
CA VAL A 421 -9.51 3.28 0.27
C VAL A 421 -9.60 3.96 1.63
N TYR A 422 -8.46 4.16 2.29
CA TYR A 422 -8.43 4.86 3.58
C TYR A 422 -8.94 6.30 3.52
N LYS A 423 -8.50 7.06 2.54
CA LYS A 423 -8.81 8.48 2.49
C LYS A 423 -10.25 8.74 2.04
N LEU A 424 -10.73 8.00 1.03
CA LEU A 424 -11.93 8.40 0.29
C LEU A 424 -13.24 7.60 0.58
N HIS A 425 -13.11 6.37 1.10
CA HIS A 425 -14.27 5.56 1.43
C HIS A 425 -14.97 6.13 2.65
N PRO A 426 -16.26 6.45 2.51
CA PRO A 426 -17.00 7.26 3.49
C PRO A 426 -16.83 6.85 4.95
N SER A 427 -16.78 5.57 5.25
CA SER A 427 -16.75 5.20 6.67
C SER A 427 -15.55 4.36 7.11
N PHE A 428 -14.76 3.94 6.13
CA PHE A 428 -13.65 3.03 6.38
C PHE A 428 -12.76 3.55 7.50
N LYS A 429 -12.41 4.82 7.42
CA LYS A 429 -11.39 5.37 8.26
C LYS A 429 -11.87 5.39 9.72
N GLU A 430 -13.16 5.70 9.88
CA GLU A 430 -13.82 5.78 11.18
C GLU A 430 -13.93 4.42 11.84
N ARG A 431 -14.36 3.43 11.09
CA ARG A 431 -14.45 2.07 11.61
C ARG A 431 -13.05 1.56 11.92
N PHE A 432 -12.11 1.82 11.00
CA PHE A 432 -10.74 1.39 11.19
C PHE A 432 -10.17 2.01 12.46
N HIS A 433 -10.29 3.33 12.65
CA HIS A 433 -9.78 3.98 13.88
C HIS A 433 -10.33 3.38 15.18
N ALA A 434 -11.66 3.22 15.24
CA ALA A 434 -12.33 2.68 16.43
C ALA A 434 -11.88 1.26 16.71
N SER A 435 -11.82 0.43 15.69
CA SER A 435 -11.40 -0.95 15.91
C SER A 435 -9.94 -1.04 16.35
N VAL A 436 -9.05 -0.24 15.74
CA VAL A 436 -7.60 -0.23 16.13
C VAL A 436 -7.43 0.16 17.58
N ARG A 437 -8.17 1.19 17.98
CA ARG A 437 -8.10 1.72 19.33
C ARG A 437 -8.60 0.73 20.38
N ARG A 438 -9.68 -0.01 20.05
CA ARG A 438 -10.19 -1.11 20.88
C ARG A 438 -9.08 -2.14 21.13
N LEU A 439 -8.23 -2.36 20.13
CA LEU A 439 -7.22 -3.44 20.17
C LEU A 439 -5.86 -3.04 20.79
N THR A 440 -5.68 -1.76 21.09
CA THR A 440 -4.39 -1.25 21.54
C THR A 440 -4.49 -0.49 22.88
N PRO A 441 -4.78 -1.21 23.99
CA PRO A 441 -4.89 -0.50 25.28
C PRO A 441 -3.56 0.12 25.69
N SER A 442 -3.62 1.25 26.38
CA SER A 442 -2.43 2.02 26.82
C SER A 442 -1.55 2.54 25.68
N CYS A 443 -2.15 2.72 24.51
CA CYS A 443 -1.53 3.40 23.39
C CYS A 443 -2.42 4.56 23.03
N GLU A 444 -1.83 5.73 22.84
CA GLU A 444 -2.54 6.88 22.29
C GLU A 444 -2.08 7.03 20.84
N ILE A 445 -2.98 6.81 19.89
CA ILE A 445 -2.61 6.73 18.48
C ILE A 445 -3.08 7.94 17.71
N THR A 446 -2.15 8.66 17.07
CA THR A 446 -2.46 9.80 16.21
C THR A 446 -2.27 9.43 14.74
N PHE A 447 -3.30 9.68 13.95
CA PHE A 447 -3.29 9.31 12.53
C PHE A 447 -3.12 10.54 11.70
N ILE A 448 -2.13 10.55 10.80
CA ILE A 448 -1.84 11.72 9.98
C ILE A 448 -1.86 11.30 8.53
N GLU A 449 -2.62 12.01 7.71
CA GLU A 449 -2.63 11.71 6.27
C GLU A 449 -1.51 12.51 5.59
N SER A 450 -0.72 11.81 4.79
CA SER A 450 0.45 12.47 4.23
C SER A 450 0.05 13.45 3.11
N GLU A 451 0.82 14.54 3.02
CA GLU A 451 0.77 15.46 1.89
C GLU A 451 1.93 15.15 0.94
N GLU A 452 1.60 14.75 -0.28
CA GLU A 452 2.59 14.24 -1.23
C GLU A 452 3.63 13.34 -0.57
N GLY A 453 3.15 12.35 0.17
CA GLY A 453 4.00 11.52 0.98
C GLY A 453 5.10 10.85 0.18
N SER A 454 4.71 10.33 -0.98
CA SER A 454 5.60 9.59 -1.85
C SER A 454 6.74 10.45 -2.41
N GLY A 455 6.39 11.55 -3.06
CA GLY A 455 7.36 12.53 -3.59
C GLY A 455 8.30 13.12 -2.53
N ARG A 456 7.72 13.72 -1.51
CA ARG A 456 8.49 14.36 -0.47
C ARG A 456 9.30 13.36 0.34
N GLY A 457 8.73 12.19 0.60
CA GLY A 457 9.40 11.21 1.44
C GLY A 457 10.64 10.66 0.77
N ALA A 458 10.50 10.27 -0.49
CA ALA A 458 11.66 9.88 -1.32
C ALA A 458 12.74 10.98 -1.32
N ALA A 459 12.32 12.23 -1.53
CA ALA A 459 13.23 13.35 -1.54
C ALA A 459 13.95 13.53 -0.21
N LEU A 460 13.21 13.43 0.90
CA LEU A 460 13.80 13.67 2.22
C LEU A 460 14.84 12.60 2.60
N VAL A 461 14.59 11.37 2.15
CA VAL A 461 15.52 10.28 2.35
C VAL A 461 16.75 10.48 1.43
N SER A 462 16.51 10.97 0.21
CA SER A 462 17.57 11.26 -0.74
C SER A 462 18.51 12.32 -0.19
N ALA A 463 17.93 13.42 0.27
CA ALA A 463 18.66 14.47 0.98
C ALA A 463 19.63 13.97 2.04
N VAL A 464 19.17 13.08 2.92
CA VAL A 464 20.01 12.55 3.99
C VAL A 464 21.07 11.58 3.45
N ALA A 465 20.67 10.74 2.50
CA ALA A 465 21.61 9.81 1.91
C ALA A 465 22.71 10.53 1.13
N CYS A 466 22.38 11.69 0.56
CA CYS A 466 23.31 12.49 -0.25
C CYS A 466 24.45 13.03 0.61
N LYS A 467 24.14 13.46 1.84
CA LYS A 467 25.12 13.98 2.79
C LYS A 467 26.39 13.13 2.81
N LYS A 468 26.24 11.82 2.62
CA LYS A 468 27.38 10.89 2.59
C LYS A 468 27.56 10.16 1.25
N ALA A 469 26.44 9.76 0.64
CA ALA A 469 26.47 8.85 -0.52
C ALA A 469 26.93 9.51 -1.82
N CYS A 470 26.45 10.71 -2.10
CA CYS A 470 26.74 11.36 -3.37
C CYS A 470 27.89 12.37 -3.33
C1 GLC B . 1.58 -4.10 -2.12
C2 GLC B . 3.09 -4.00 -2.28
C3 GLC B . 3.75 -3.15 -1.20
C4 GLC B . 3.10 -1.78 -1.22
C5 GLC B . 1.56 -1.93 -1.14
C6 GLC B . 0.82 -0.61 -1.21
O1 GLC B . 1.31 -4.67 -0.85
O2 GLC B . 3.66 -5.26 -2.25
O3 GLC B . 5.15 -3.08 -1.40
O4 GLC B . 3.62 -0.97 -0.18
O5 GLC B . 1.04 -2.79 -2.15
O6 GLC B . 1.23 0.12 -2.34
C18 3LZ C . 15.72 10.78 12.85
N5 3LZ C . 15.94 10.31 6.30
C14 3LZ C . 14.77 15.73 10.90
C13 3LZ C . 15.62 14.67 10.51
C12 3LZ C . 15.25 13.90 9.38
C17 3LZ C . 15.87 10.42 11.48
C15 3LZ C . 13.61 15.98 10.14
C11 3LZ C . 14.06 14.21 8.69
C22 3LZ C . 13.13 7.72 11.28
C6 3LZ C . 15.20 11.44 6.30
C1 3LZ C . 14.41 11.85 7.39
C4 3LZ C . 15.90 9.55 7.42
C19 3LZ C . 14.73 10.12 13.60
C21 3LZ C . 14.07 8.82 11.78
C2 3LZ C . 14.37 11.05 8.55
C3 3LZ C . 15.14 9.88 8.56
N7 3LZ C . 16.67 8.37 7.53
O8 3LZ C . 15.13 9.04 9.63
C9 3LZ C . 15.02 9.44 10.95
S10 3LZ C . 13.49 13.32 7.27
N16 3LZ C . 13.26 15.24 9.06
N20 3LZ C . 13.93 9.15 13.08
C23 3LZ C . 11.64 8.12 11.23
C24 3LZ C . 17.60 7.82 6.75
O25 3LZ C . 18.18 6.78 7.06
N26 3LZ C . 17.88 8.44 5.60
C27 3LZ C . 18.66 7.79 4.53
#